data_7HGK
#
_entry.id   7HGK
#
_cell.length_a   41.583
_cell.length_b   42.028
_cell.length_c   158.253
_cell.angle_alpha   90.00
_cell.angle_beta   90.00
_cell.angle_gamma   90.00
#
_symmetry.space_group_name_H-M   'P 21 21 21'
#
loop_
_entity.id
_entity.type
_entity.pdbx_description
1 polymer 'Hepatoma-derived growth factor-related protein 2'
2 non-polymer 'SULFATE ION'
3 non-polymer 1,2-ETHANEDIOL
4 non-polymer 3-cyclohexyl-1-(morpholin-4-yl)propan-1-one
5 water water
#
_entity_poly.entity_id   1
_entity_poly.type   'polypeptide(L)'
_entity_poly.pdbx_seq_one_letter_code
;GMPHAFKPGDLVFAKMKGYPHWPARIDDIADGAVKPPPNKYPIFFFGTHETAFLGPKDLFPYDKSKDKYGKPNKRKGFNE
GLWEIQNNPHASYS
;
_entity_poly.pdbx_strand_id   A,B,C
#
loop_
_chem_comp.id
_chem_comp.type
_chem_comp.name
_chem_comp.formula
EDO non-polymer 1,2-ETHANEDIOL 'C2 H6 O2'
NW4 non-polymer 3-cyclohexyl-1-(morpholin-4-yl)propan-1-one 'C13 H23 N O2'
SO4 non-polymer 'SULFATE ION' 'O4 S -2'
#
# COMPACT_ATOMS: atom_id res chain seq x y z
N MET A 2 -9.65 24.55 9.94
CA MET A 2 -8.62 24.20 10.94
C MET A 2 -8.30 22.71 10.89
N PRO A 3 -7.02 22.33 11.14
CA PRO A 3 -6.56 20.94 11.16
C PRO A 3 -7.28 20.03 12.18
N HIS A 4 -7.48 18.77 11.81
CA HIS A 4 -7.92 17.75 12.74
C HIS A 4 -6.67 16.99 13.16
N ALA A 5 -6.85 15.98 14.01
CA ALA A 5 -5.80 15.01 14.27
C ALA A 5 -5.57 14.23 12.98
N PHE A 6 -4.42 13.56 12.90
CA PHE A 6 -4.15 12.68 11.77
C PHE A 6 -5.12 11.49 11.78
N LYS A 7 -5.49 11.06 10.56
CA LYS A 7 -6.34 9.91 10.44
C LYS A 7 -5.83 9.03 9.30
N PRO A 8 -6.20 7.73 9.29
CA PRO A 8 -5.81 6.86 8.19
C PRO A 8 -6.25 7.46 6.84
N GLY A 9 -5.36 7.36 5.86
CA GLY A 9 -5.58 7.91 4.54
C GLY A 9 -4.91 9.28 4.35
N ASP A 10 -4.59 9.97 5.46
CA ASP A 10 -3.89 11.23 5.27
C ASP A 10 -2.52 11.04 4.58
N LEU A 11 -2.16 11.99 3.69
CA LEU A 11 -0.90 11.94 2.94
C LEU A 11 0.09 12.91 3.59
N VAL A 12 1.35 12.48 3.70
CA VAL A 12 2.34 13.28 4.43
C VAL A 12 3.69 13.13 3.75
N PHE A 13 4.65 13.99 4.15
CA PHE A 13 6.05 13.58 4.11
C PHE A 13 6.44 13.22 5.53
N ALA A 14 7.12 12.06 5.71
CA ALA A 14 7.42 11.53 7.04
C ALA A 14 8.94 11.60 7.18
N LYS A 15 9.40 12.05 8.34
CA LYS A 15 10.83 12.25 8.50
C LYS A 15 11.37 11.19 9.46
N MET A 16 12.41 10.50 8.99
CA MET A 16 13.23 9.75 9.91
C MET A 16 14.69 10.17 9.85
N LYS A 17 15.34 9.99 11.00
CA LYS A 17 16.78 10.16 11.17
C LYS A 17 17.50 9.67 9.93
N GLY A 18 18.28 10.56 9.31
CA GLY A 18 19.21 10.13 8.28
C GLY A 18 18.56 9.89 6.93
N TYR A 19 17.23 10.11 6.82
CA TYR A 19 16.61 10.02 5.51
C TYR A 19 15.95 11.34 5.18
N PRO A 20 15.80 11.68 3.88
CA PRO A 20 15.07 12.89 3.49
C PRO A 20 13.58 12.73 3.85
N HIS A 21 12.89 13.86 4.04
CA HIS A 21 11.43 13.85 4.18
C HIS A 21 10.85 12.97 3.07
N TRP A 22 10.00 11.99 3.45
CA TRP A 22 9.74 10.88 2.53
C TRP A 22 8.23 10.79 2.26
N PRO A 23 7.78 10.69 0.98
CA PRO A 23 6.32 10.59 0.72
C PRO A 23 5.73 9.35 1.40
N ALA A 24 4.60 9.54 2.09
CA ALA A 24 4.06 8.46 2.91
C ALA A 24 2.58 8.70 3.18
N ARG A 25 1.92 7.68 3.77
CA ARG A 25 0.54 7.84 4.17
C ARG A 25 0.36 7.29 5.57
N ILE A 26 -0.64 7.80 6.27
CA ILE A 26 -1.10 7.14 7.49
C ILE A 26 -1.91 5.91 7.09
N ASP A 27 -1.48 4.75 7.56
CA ASP A 27 -2.20 3.52 7.22
C ASP A 27 -3.29 3.23 8.26
N ASP A 28 -4.23 2.38 7.82
CA ASP A 28 -5.17 1.76 8.73
C ASP A 28 -4.45 0.60 9.42
N ILE A 29 -5.04 0.12 10.51
CA ILE A 29 -4.54 -1.10 11.12
C ILE A 29 -5.65 -2.12 10.85
N ALA A 30 -5.31 -3.19 10.14
CA ALA A 30 -6.25 -4.25 9.80
C ALA A 30 -6.54 -5.03 11.10
N ASP A 31 -7.75 -5.61 11.16
CA ASP A 31 -8.02 -6.59 12.19
C ASP A 31 -6.87 -7.58 12.20
N GLY A 32 -6.39 -7.95 13.41
CA GLY A 32 -5.39 -8.99 13.52
C GLY A 32 -3.97 -8.43 13.47
N ALA A 33 -3.82 -7.20 12.97
CA ALA A 33 -2.49 -6.65 12.74
C ALA A 33 -1.89 -6.05 14.01
N VAL A 34 -0.55 -5.96 14.03
CA VAL A 34 0.22 -5.33 15.09
C VAL A 34 -0.12 -3.85 15.17
N LYS A 35 -0.56 -3.40 16.35
CA LYS A 35 -0.92 -2.02 16.64
C LYS A 35 0.34 -1.21 16.92
N PRO A 36 0.34 0.12 16.64
CA PRO A 36 1.47 0.98 17.00
C PRO A 36 1.57 1.21 18.51
N PRO A 37 2.72 1.68 19.02
CA PRO A 37 2.80 2.18 20.39
C PRO A 37 1.85 3.34 20.61
N PRO A 38 1.47 3.67 21.86
CA PRO A 38 0.69 4.88 22.13
C PRO A 38 1.29 6.16 21.54
N ASN A 39 0.43 7.04 21.05
CA ASN A 39 0.76 8.32 20.44
C ASN A 39 1.53 8.16 19.13
N LYS A 40 1.63 6.93 18.60
CA LYS A 40 2.31 6.65 17.33
C LYS A 40 1.31 6.17 16.27
N TYR A 41 1.63 6.50 15.01
CA TYR A 41 0.76 6.18 13.87
C TYR A 41 1.48 5.17 13.01
N PRO A 42 0.78 4.26 12.29
CA PRO A 42 1.49 3.40 11.34
C PRO A 42 1.72 4.15 10.02
N ILE A 43 2.99 4.34 9.66
CA ILE A 43 3.30 5.12 8.47
C ILE A 43 3.75 4.18 7.36
N PHE A 44 3.05 4.26 6.21
CA PHE A 44 3.47 3.48 5.06
C PHE A 44 4.25 4.39 4.12
N PHE A 45 5.50 4.02 3.83
CA PHE A 45 6.38 4.86 3.03
C PHE A 45 6.18 4.44 1.57
N PHE A 46 5.85 5.42 0.72
CA PHE A 46 5.71 5.10 -0.71
C PHE A 46 7.07 4.78 -1.30
N GLY A 47 7.05 3.99 -2.36
CA GLY A 47 8.28 3.63 -3.06
C GLY A 47 8.98 2.41 -2.41
N THR A 48 9.43 2.57 -1.15
CA THR A 48 10.06 1.45 -0.43
C THR A 48 9.02 0.43 0.01
N HIS A 49 7.78 0.91 0.26
CA HIS A 49 6.68 0.11 0.79
C HIS A 49 6.98 -0.45 2.18
N GLU A 50 7.82 0.23 2.99
CA GLU A 50 8.13 -0.17 4.35
C GLU A 50 7.23 0.61 5.30
N THR A 51 7.04 0.05 6.50
CA THR A 51 6.18 0.65 7.51
C THR A 51 7.04 1.02 8.72
N ALA A 52 6.81 2.20 9.30
CA ALA A 52 7.38 2.50 10.61
C ALA A 52 6.36 3.23 11.46
N PHE A 53 6.64 3.33 12.77
CA PHE A 53 5.69 3.96 13.65
C PHE A 53 6.25 5.31 14.05
N LEU A 54 5.46 6.39 13.80
CA LEU A 54 5.98 7.73 14.03
C LEU A 54 4.93 8.59 14.71
N GLY A 55 5.41 9.59 15.48
CA GLY A 55 4.46 10.54 16.03
C GLY A 55 4.39 11.82 15.17
N PRO A 56 3.41 12.69 15.44
CA PRO A 56 3.15 13.89 14.64
C PRO A 56 4.33 14.81 14.41
N LYS A 57 5.30 14.81 15.36
CA LYS A 57 6.44 15.72 15.17
C LYS A 57 7.20 15.42 13.87
N ASP A 58 7.07 14.18 13.35
CA ASP A 58 7.79 13.78 12.18
C ASP A 58 6.88 13.70 10.95
N LEU A 59 5.63 14.21 11.04
CA LEU A 59 4.64 14.05 9.95
C LEU A 59 4.28 15.43 9.40
N PHE A 60 4.59 15.69 8.13
CA PHE A 60 4.30 16.99 7.49
C PHE A 60 3.20 16.81 6.45
N PRO A 61 2.03 17.45 6.62
CA PRO A 61 0.95 17.25 5.63
C PRO A 61 1.40 17.55 4.21
N TYR A 62 1.00 16.66 3.26
CA TYR A 62 1.54 16.62 1.90
C TYR A 62 1.24 17.89 1.11
N ASP A 63 -0.01 18.37 1.18
CA ASP A 63 -0.42 19.55 0.40
C ASP A 63 0.46 20.75 0.76
N LYS A 64 0.56 21.04 2.07
CA LYS A 64 1.39 22.14 2.58
C LYS A 64 2.85 21.99 2.19
N SER A 65 3.40 20.75 2.15
CA SER A 65 4.85 20.53 2.14
C SER A 65 5.42 20.11 0.79
N LYS A 66 4.58 19.88 -0.22
CA LYS A 66 5.10 19.21 -1.42
C LYS A 66 6.01 20.11 -2.26
N ASP A 67 5.81 21.42 -2.19
N ASP A 67 5.78 21.42 -2.20
CA ASP A 67 6.69 22.34 -2.91
CA ASP A 67 6.67 22.36 -2.86
C ASP A 67 8.11 22.27 -2.35
C ASP A 67 8.10 22.13 -2.37
N LYS A 68 8.25 21.99 -1.05
CA LYS A 68 9.57 21.92 -0.45
C LYS A 68 10.21 20.54 -0.62
N TYR A 69 9.41 19.49 -0.43
CA TYR A 69 9.99 18.17 -0.21
C TYR A 69 9.74 17.25 -1.40
N GLY A 70 8.88 17.67 -2.33
CA GLY A 70 8.42 16.81 -3.40
C GLY A 70 9.30 16.95 -4.65
N LYS A 71 10.59 16.67 -4.49
CA LYS A 71 11.53 16.81 -5.59
C LYS A 71 12.34 15.52 -5.67
N PRO A 72 12.85 15.13 -6.87
CA PRO A 72 13.62 13.89 -6.95
C PRO A 72 14.81 13.81 -6.01
N ASN A 73 15.11 12.58 -5.60
CA ASN A 73 16.14 12.23 -4.65
C ASN A 73 16.79 10.96 -5.18
N LYS A 74 18.09 10.81 -4.87
CA LYS A 74 18.88 9.68 -5.31
C LYS A 74 18.49 8.42 -4.55
N ARG A 75 17.87 8.58 -3.37
CA ARG A 75 17.69 7.44 -2.48
C ARG A 75 16.77 6.38 -3.10
N LYS A 76 17.08 5.11 -2.82
CA LYS A 76 16.37 3.96 -3.37
C LYS A 76 14.87 4.10 -3.06
N GLY A 77 14.06 4.15 -4.10
CA GLY A 77 12.62 4.05 -3.92
C GLY A 77 11.97 5.43 -3.82
N PHE A 78 12.77 6.48 -3.65
CA PHE A 78 12.20 7.81 -3.46
C PHE A 78 11.33 8.26 -4.63
N ASN A 79 11.85 8.15 -5.87
CA ASN A 79 11.17 8.75 -7.01
C ASN A 79 9.94 7.90 -7.36
N GLU A 80 10.05 6.58 -7.16
CA GLU A 80 8.85 5.74 -7.27
C GLU A 80 7.83 6.23 -6.24
N GLY A 81 8.31 6.56 -5.05
CA GLY A 81 7.36 7.03 -4.03
C GLY A 81 6.68 8.35 -4.41
N LEU A 82 7.40 9.26 -5.09
CA LEU A 82 6.79 10.51 -5.52
C LEU A 82 5.64 10.23 -6.51
N TRP A 83 5.86 9.24 -7.37
CA TRP A 83 4.82 8.89 -8.35
C TRP A 83 3.60 8.38 -7.60
N GLU A 84 3.83 7.50 -6.62
CA GLU A 84 2.70 6.84 -5.97
C GLU A 84 1.85 7.87 -5.21
N ILE A 85 2.50 8.76 -4.46
CA ILE A 85 1.76 9.71 -3.64
C ILE A 85 0.91 10.63 -4.52
N GLN A 86 1.45 11.01 -5.71
CA GLN A 86 0.74 11.92 -6.60
C GLN A 86 -0.36 11.20 -7.39
N ASN A 87 -0.12 9.93 -7.80
CA ASN A 87 -0.91 9.26 -8.83
C ASN A 87 -1.81 8.15 -8.29
N ASN A 88 -1.42 7.43 -7.23
CA ASN A 88 -2.36 6.46 -6.66
C ASN A 88 -2.06 6.24 -5.17
N PRO A 89 -2.30 7.27 -4.32
CA PRO A 89 -1.81 7.21 -2.95
C PRO A 89 -2.63 6.30 -2.08
N HIS A 90 -3.84 5.87 -2.55
CA HIS A 90 -4.69 5.05 -1.68
C HIS A 90 -4.82 3.60 -2.18
N ALA A 91 -3.90 3.20 -3.09
CA ALA A 91 -3.90 1.85 -3.64
C ALA A 91 -3.32 0.84 -2.66
N SER A 92 -3.61 -0.44 -2.94
CA SER A 92 -2.94 -1.54 -2.25
C SER A 92 -1.56 -1.77 -2.87
N TYR A 93 -0.51 -1.68 -2.05
CA TYR A 93 0.83 -1.90 -2.55
C TYR A 93 1.41 -3.16 -1.92
N SER A 94 0.53 -3.96 -1.30
CA SER A 94 0.83 -5.28 -0.75
C SER A 94 1.13 -6.28 -1.88
N MET B 2 -27.35 -33.39 12.01
CA MET B 2 -26.48 -34.52 12.42
C MET B 2 -25.33 -33.98 13.27
N PRO B 3 -25.30 -34.28 14.60
CA PRO B 3 -24.32 -33.67 15.50
C PRO B 3 -22.90 -33.99 15.05
N HIS B 4 -21.98 -33.04 15.29
CA HIS B 4 -20.59 -33.22 14.90
C HIS B 4 -19.69 -33.02 16.12
N ALA B 5 -18.41 -33.39 16.00
CA ALA B 5 -17.47 -33.26 17.09
C ALA B 5 -17.62 -31.87 17.71
N PHE B 6 -17.52 -30.85 16.84
CA PHE B 6 -17.82 -29.47 17.20
C PHE B 6 -19.25 -29.09 16.79
N LYS B 7 -19.90 -28.31 17.64
CA LYS B 7 -21.26 -27.90 17.33
C LYS B 7 -21.40 -26.38 17.49
N PRO B 8 -22.37 -25.73 16.79
CA PRO B 8 -22.53 -24.28 16.84
C PRO B 8 -22.66 -23.83 18.29
N GLY B 9 -21.98 -22.72 18.61
CA GLY B 9 -21.89 -22.20 19.97
C GLY B 9 -20.67 -22.70 20.74
N ASP B 10 -19.95 -23.72 20.23
CA ASP B 10 -18.75 -24.16 20.92
C ASP B 10 -17.71 -23.03 20.86
N LEU B 11 -16.98 -22.83 21.95
CA LEU B 11 -16.01 -21.76 21.98
C LEU B 11 -14.63 -22.35 21.77
N VAL B 12 -13.76 -21.65 21.02
CA VAL B 12 -12.46 -22.25 20.73
C VAL B 12 -11.43 -21.13 20.67
N PHE B 13 -10.16 -21.52 20.59
CA PHE B 13 -9.19 -20.67 19.92
C PHE B 13 -9.00 -21.25 18.52
N ALA B 14 -8.92 -20.37 17.50
CA ALA B 14 -8.82 -20.77 16.11
C ALA B 14 -7.53 -20.21 15.51
N LYS B 15 -6.78 -21.06 14.81
CA LYS B 15 -5.45 -20.72 14.34
C LYS B 15 -5.47 -20.42 12.85
N MET B 16 -5.05 -19.19 12.51
CA MET B 16 -4.86 -18.80 11.12
C MET B 16 -3.37 -18.52 10.90
N LYS B 17 -2.87 -18.90 9.72
CA LYS B 17 -1.50 -18.52 9.35
C LYS B 17 -1.30 -17.01 9.47
N GLY B 18 -0.22 -16.60 10.14
CA GLY B 18 0.06 -15.18 10.33
C GLY B 18 -0.46 -14.59 11.65
N TYR B 19 -1.25 -15.35 12.41
CA TYR B 19 -1.90 -14.77 13.58
C TYR B 19 -1.79 -15.71 14.76
N PRO B 20 -1.85 -15.19 15.99
CA PRO B 20 -1.88 -16.06 17.18
C PRO B 20 -3.22 -16.81 17.28
N HIS B 21 -3.20 -17.96 17.95
CA HIS B 21 -4.46 -18.64 18.28
C HIS B 21 -5.49 -17.63 18.79
N TRP B 22 -6.69 -17.62 18.21
CA TRP B 22 -7.54 -16.43 18.35
C TRP B 22 -8.89 -16.80 18.97
N PRO B 23 -9.41 -16.09 20.00
CA PRO B 23 -10.70 -16.48 20.61
C PRO B 23 -11.79 -16.45 19.54
N ALA B 24 -12.58 -17.53 19.44
CA ALA B 24 -13.54 -17.63 18.34
C ALA B 24 -14.67 -18.57 18.76
N ARG B 25 -15.66 -18.70 17.88
CA ARG B 25 -16.75 -19.64 18.08
C ARG B 25 -17.12 -20.32 16.77
N ILE B 26 -17.75 -21.50 16.91
CA ILE B 26 -18.39 -22.20 15.81
C ILE B 26 -19.75 -21.52 15.62
N ASP B 27 -20.03 -21.10 14.40
CA ASP B 27 -21.31 -20.52 14.02
C ASP B 27 -22.17 -21.56 13.31
N ASP B 28 -23.46 -21.25 13.17
N ASP B 28 -23.49 -21.31 13.29
CA ASP B 28 -24.40 -22.05 12.42
CA ASP B 28 -24.41 -22.24 12.64
C ASP B 28 -24.02 -22.04 10.93
C ASP B 28 -24.55 -21.87 11.16
N VAL B 34 -23.90 -20.36 0.85
CA VAL B 34 -22.60 -21.09 1.02
C VAL B 34 -22.74 -22.00 2.24
N LYS B 35 -22.14 -23.20 2.17
CA LYS B 35 -21.91 -24.04 3.33
C LYS B 35 -20.40 -24.25 3.48
N PRO B 36 -19.87 -24.64 4.66
CA PRO B 36 -18.43 -24.91 4.79
C PRO B 36 -18.05 -26.02 3.81
N PRO B 37 -16.82 -26.02 3.25
CA PRO B 37 -16.35 -27.18 2.52
C PRO B 37 -16.38 -28.37 3.48
N PRO B 38 -16.25 -29.61 2.97
CA PRO B 38 -16.25 -30.81 3.83
C PRO B 38 -15.17 -30.79 4.91
N ASN B 39 -15.54 -31.23 6.13
CA ASN B 39 -14.60 -31.37 7.22
C ASN B 39 -14.35 -30.05 7.94
N LYS B 40 -14.94 -28.94 7.47
CA LYS B 40 -14.63 -27.62 8.02
C LYS B 40 -15.83 -27.01 8.72
N TYR B 41 -15.56 -26.00 9.55
CA TYR B 41 -16.64 -25.33 10.26
C TYR B 41 -16.61 -23.83 9.97
N PRO B 42 -17.77 -23.13 10.02
CA PRO B 42 -17.79 -21.67 9.96
C PRO B 42 -17.32 -21.13 11.31
N ILE B 43 -16.25 -20.33 11.28
CA ILE B 43 -15.69 -19.71 12.46
C ILE B 43 -15.95 -18.20 12.49
N PHE B 44 -16.34 -17.67 13.66
CA PHE B 44 -16.39 -16.24 13.94
C PHE B 44 -15.25 -15.88 14.89
N PHE B 45 -14.44 -14.86 14.52
CA PHE B 45 -13.34 -14.44 15.37
C PHE B 45 -13.81 -13.26 16.22
N PHE B 46 -13.79 -13.47 17.54
CA PHE B 46 -14.24 -12.42 18.44
C PHE B 46 -13.31 -11.20 18.30
N GLY B 47 -13.88 -10.00 18.52
CA GLY B 47 -13.05 -8.79 18.53
C GLY B 47 -12.88 -8.17 17.14
N THR B 48 -13.21 -8.90 16.08
CA THR B 48 -12.94 -8.53 14.70
C THR B 48 -14.24 -8.63 13.91
N HIS B 49 -14.18 -8.22 12.65
CA HIS B 49 -15.27 -8.46 11.71
C HIS B 49 -14.91 -9.62 10.77
N GLU B 50 -14.28 -10.69 11.29
CA GLU B 50 -13.80 -11.73 10.40
C GLU B 50 -14.48 -13.08 10.66
N THR B 51 -14.75 -13.81 9.57
CA THR B 51 -15.13 -15.21 9.61
C THR B 51 -14.20 -15.95 8.63
N ALA B 52 -14.12 -17.27 8.78
CA ALA B 52 -13.40 -18.12 7.85
C ALA B 52 -13.88 -19.55 8.07
N PHE B 53 -13.49 -20.45 7.17
CA PHE B 53 -13.76 -21.87 7.36
C PHE B 53 -12.45 -22.53 7.79
N LEU B 54 -12.51 -23.32 8.89
CA LEU B 54 -11.34 -24.00 9.40
C LEU B 54 -11.67 -25.46 9.71
N GLY B 55 -10.65 -26.31 9.62
CA GLY B 55 -10.80 -27.70 10.04
C GLY B 55 -10.36 -27.86 11.50
N PRO B 56 -10.70 -29.02 12.14
CA PRO B 56 -10.31 -29.27 13.52
C PRO B 56 -8.86 -29.09 13.95
N LYS B 57 -7.90 -29.32 13.04
CA LYS B 57 -6.48 -29.24 13.37
C LYS B 57 -6.16 -27.83 13.88
N ASP B 58 -7.01 -26.87 13.45
CA ASP B 58 -6.79 -25.48 13.76
C ASP B 58 -7.76 -24.97 14.83
N LEU B 59 -8.50 -25.90 15.49
CA LEU B 59 -9.55 -25.55 16.44
C LEU B 59 -9.27 -26.17 17.80
N PHE B 60 -9.07 -25.30 18.79
CA PHE B 60 -8.62 -25.70 20.11
C PHE B 60 -9.74 -25.40 21.10
N PRO B 61 -10.40 -26.41 21.72
CA PRO B 61 -11.44 -26.10 22.70
C PRO B 61 -11.05 -25.06 23.76
N TYR B 62 -11.94 -24.08 24.01
CA TYR B 62 -11.57 -22.90 24.76
C TYR B 62 -11.25 -23.20 26.23
N ASP B 63 -12.09 -24.03 26.88
CA ASP B 63 -11.85 -24.36 28.28
C ASP B 63 -10.50 -25.05 28.47
N LYS B 64 -10.22 -26.04 27.61
CA LYS B 64 -8.96 -26.77 27.68
C LYS B 64 -7.74 -25.85 27.49
N SER B 65 -7.86 -24.87 26.60
CA SER B 65 -6.68 -24.22 26.06
C SER B 65 -6.53 -22.75 26.50
N LYS B 66 -7.45 -22.26 27.33
CA LYS B 66 -7.47 -20.84 27.70
C LYS B 66 -6.26 -20.39 28.53
N ASP B 67 -5.62 -21.22 29.35
CA ASP B 67 -4.48 -20.62 30.03
C ASP B 67 -3.24 -20.63 29.14
N LYS B 68 -3.27 -21.42 28.07
CA LYS B 68 -2.15 -21.41 27.13
C LYS B 68 -2.29 -20.25 26.14
N TYR B 69 -3.50 -20.06 25.59
CA TYR B 69 -3.63 -19.13 24.47
C TYR B 69 -4.34 -17.84 24.86
N GLY B 70 -4.88 -17.77 26.09
CA GLY B 70 -5.84 -16.71 26.40
C GLY B 70 -5.19 -15.46 27.00
N LYS B 71 -4.01 -15.08 26.49
CA LYS B 71 -3.24 -14.01 27.11
C LYS B 71 -3.24 -12.81 26.16
N PRO B 72 -3.33 -11.56 26.68
CA PRO B 72 -3.41 -10.38 25.82
C PRO B 72 -2.16 -10.19 24.96
N ASN B 73 -2.29 -9.51 23.80
CA ASN B 73 -1.12 -9.24 22.96
C ASN B 73 -1.34 -7.94 22.18
N LYS B 74 -0.55 -7.72 21.13
CA LYS B 74 -0.46 -6.45 20.42
C LYS B 74 -1.36 -6.37 19.18
N ARG B 75 -2.04 -7.48 18.85
CA ARG B 75 -2.84 -7.60 17.64
C ARG B 75 -4.20 -6.95 17.83
N LYS B 76 -4.60 -6.16 16.82
CA LYS B 76 -5.83 -5.38 16.85
C LYS B 76 -7.04 -6.32 16.97
N GLY B 77 -7.86 -6.10 17.99
CA GLY B 77 -9.10 -6.84 18.17
C GLY B 77 -8.93 -8.00 19.16
N PHE B 78 -7.68 -8.33 19.52
CA PHE B 78 -7.46 -9.53 20.36
C PHE B 78 -7.97 -9.34 21.78
N ASN B 79 -7.65 -8.23 22.45
CA ASN B 79 -8.10 -8.06 23.82
C ASN B 79 -9.63 -7.89 23.86
N GLU B 80 -10.19 -7.28 22.82
CA GLU B 80 -11.63 -7.13 22.76
C GLU B 80 -12.24 -8.52 22.60
N GLY B 81 -11.60 -9.35 21.75
CA GLY B 81 -12.03 -10.73 21.49
C GLY B 81 -12.00 -11.55 22.77
N LEU B 82 -10.99 -11.31 23.60
CA LEU B 82 -10.91 -12.04 24.87
C LEU B 82 -12.05 -11.60 25.79
N TRP B 83 -12.43 -10.32 25.75
CA TRP B 83 -13.53 -9.85 26.56
C TRP B 83 -14.84 -10.53 26.12
N GLU B 84 -15.02 -10.68 24.81
CA GLU B 84 -16.25 -11.19 24.22
C GLU B 84 -16.44 -12.66 24.56
N ILE B 85 -15.35 -13.43 24.45
CA ILE B 85 -15.47 -14.89 24.61
C ILE B 85 -15.80 -15.20 26.07
N GLN B 86 -15.36 -14.32 26.98
CA GLN B 86 -15.54 -14.49 28.42
C GLN B 86 -16.90 -13.94 28.86
N ASN B 87 -17.35 -12.81 28.30
CA ASN B 87 -18.46 -12.06 28.89
C ASN B 87 -19.75 -12.17 28.09
N ASN B 88 -19.68 -12.47 26.79
CA ASN B 88 -20.90 -12.58 25.99
C ASN B 88 -20.60 -13.33 24.70
N PRO B 89 -20.15 -14.59 24.81
CA PRO B 89 -19.76 -15.38 23.64
C PRO B 89 -20.85 -15.69 22.63
N HIS B 90 -22.14 -15.61 23.07
CA HIS B 90 -23.21 -16.04 22.20
C HIS B 90 -24.03 -14.88 21.64
N ALA B 91 -23.54 -13.65 21.80
CA ALA B 91 -24.23 -12.45 21.33
C ALA B 91 -24.17 -12.31 19.81
N SER B 92 -25.06 -11.45 19.28
CA SER B 92 -25.00 -11.03 17.89
C SER B 92 -23.96 -9.93 17.76
N TYR B 93 -22.97 -10.13 16.87
CA TYR B 93 -21.89 -9.22 16.57
C TYR B 93 -21.97 -8.81 15.11
N SER B 94 -23.18 -8.92 14.54
CA SER B 94 -23.44 -8.68 13.12
C SER B 94 -23.36 -7.18 12.81
N ALA C 5 0.68 14.57 -35.29
CA ALA C 5 1.88 15.40 -35.54
C ALA C 5 2.34 16.09 -34.26
N PHE C 6 3.63 16.44 -34.24
CA PHE C 6 4.31 16.82 -33.01
C PHE C 6 5.11 18.09 -33.26
N LYS C 7 5.21 18.95 -32.25
CA LYS C 7 6.09 20.11 -32.38
C LYS C 7 7.04 20.13 -31.19
N PRO C 8 8.20 20.81 -31.27
CA PRO C 8 9.12 20.81 -30.14
C PRO C 8 8.35 21.18 -28.86
N GLY C 9 8.60 20.44 -27.78
CA GLY C 9 7.97 20.72 -26.50
C GLY C 9 6.77 19.82 -26.20
N ASP C 10 6.17 19.18 -27.23
CA ASP C 10 5.07 18.24 -27.06
C ASP C 10 5.50 17.01 -26.26
N LEU C 11 4.62 16.54 -25.36
CA LEU C 11 4.98 15.51 -24.38
C LEU C 11 4.48 14.15 -24.87
N VAL C 12 5.34 13.11 -24.74
CA VAL C 12 5.08 11.81 -25.31
C VAL C 12 5.67 10.71 -24.39
N PHE C 13 5.25 9.47 -24.65
CA PHE C 13 6.02 8.26 -24.38
C PHE C 13 6.69 7.80 -25.67
N ALA C 14 8.02 7.56 -25.57
CA ALA C 14 8.81 7.20 -26.73
C ALA C 14 9.37 5.78 -26.55
N LYS C 15 9.17 4.94 -27.58
CA LYS C 15 9.58 3.54 -27.50
C LYS C 15 10.80 3.29 -28.36
N MET C 16 11.88 2.84 -27.73
CA MET C 16 13.09 2.33 -28.37
C MET C 16 13.25 0.84 -28.10
N LYS C 17 13.85 0.12 -29.05
CA LYS C 17 14.12 -1.30 -28.83
C LYS C 17 15.02 -1.42 -27.60
N GLY C 18 14.64 -2.30 -26.69
CA GLY C 18 15.49 -2.57 -25.53
C GLY C 18 15.07 -1.76 -24.30
N TYR C 19 14.00 -0.96 -24.41
CA TYR C 19 13.62 -0.04 -23.33
C TYR C 19 12.11 0.01 -23.22
N PRO C 20 11.55 0.21 -22.00
CA PRO C 20 10.11 0.43 -21.87
C PRO C 20 9.74 1.76 -22.51
N HIS C 21 8.43 1.92 -22.78
CA HIS C 21 7.92 3.19 -23.27
C HIS C 21 8.31 4.29 -22.28
N TRP C 22 8.97 5.32 -22.79
CA TRP C 22 9.71 6.20 -21.89
C TRP C 22 9.16 7.62 -21.93
N PRO C 23 9.00 8.32 -20.78
CA PRO C 23 8.54 9.71 -20.80
C PRO C 23 9.57 10.60 -21.48
N ALA C 24 9.08 11.41 -22.41
CA ALA C 24 9.93 12.19 -23.30
C ALA C 24 9.19 13.43 -23.83
N ARG C 25 9.92 14.27 -24.55
CA ARG C 25 9.29 15.32 -25.33
C ARG C 25 9.99 15.43 -26.70
N ILE C 26 9.25 15.97 -27.66
CA ILE C 26 9.78 16.40 -28.94
C ILE C 26 10.75 17.57 -28.73
N ASP C 27 11.93 17.45 -29.31
CA ASP C 27 12.90 18.54 -29.28
C ASP C 27 12.69 19.53 -30.43
N LYS C 35 20.47 17.29 -38.82
CA LYS C 35 19.10 17.08 -39.39
C LYS C 35 18.75 15.60 -39.25
N PRO C 36 17.49 15.26 -38.89
CA PRO C 36 17.12 13.87 -38.61
C PRO C 36 17.28 13.00 -39.86
N PRO C 37 17.36 11.67 -39.74
CA PRO C 37 17.06 10.82 -40.90
C PRO C 37 15.65 11.16 -41.36
N PRO C 38 15.28 10.83 -42.62
CA PRO C 38 13.91 11.03 -43.12
C PRO C 38 12.82 10.52 -42.17
N ASN C 39 11.85 11.40 -41.90
CA ASN C 39 10.63 11.09 -41.18
C ASN C 39 10.97 10.68 -39.74
N LYS C 40 12.00 11.28 -39.15
CA LYS C 40 12.29 11.05 -37.73
C LYS C 40 12.21 12.34 -36.93
N TYR C 41 11.75 12.26 -35.66
CA TYR C 41 11.73 13.43 -34.80
C TYR C 41 12.89 13.36 -33.81
N PRO C 42 13.41 14.53 -33.35
CA PRO C 42 14.41 14.54 -32.29
C PRO C 42 13.64 14.45 -30.97
N ILE C 43 14.06 13.47 -30.16
CA ILE C 43 13.40 13.21 -28.88
C ILE C 43 14.38 13.49 -27.77
N PHE C 44 13.88 14.10 -26.68
CA PHE C 44 14.64 14.21 -25.44
C PHE C 44 13.95 13.32 -24.40
N PHE C 45 14.74 12.44 -23.75
CA PHE C 45 14.25 11.51 -22.76
C PHE C 45 14.31 12.16 -21.36
N PHE C 46 13.16 12.17 -20.67
CA PHE C 46 13.17 12.64 -19.28
C PHE C 46 13.93 11.65 -18.39
N GLY C 47 14.49 12.14 -17.28
CA GLY C 47 15.17 11.25 -16.35
C GLY C 47 16.62 11.02 -16.75
N THR C 48 16.82 10.36 -17.90
CA THR C 48 18.18 10.18 -18.40
C THR C 48 18.68 11.46 -19.07
N HIS C 49 17.76 12.28 -19.59
CA HIS C 49 18.10 13.47 -20.37
C HIS C 49 18.98 13.19 -21.59
N GLU C 50 18.79 12.02 -22.23
CA GLU C 50 19.48 11.71 -23.48
C GLU C 50 18.58 12.02 -24.68
N THR C 51 19.17 12.01 -25.88
CA THR C 51 18.41 12.28 -27.08
C THR C 51 18.55 11.12 -28.08
N ALA C 52 17.59 11.05 -29.00
CA ALA C 52 17.65 10.12 -30.10
C ALA C 52 16.69 10.57 -31.18
N PHE C 53 16.75 9.92 -32.35
CA PHE C 53 15.80 10.15 -33.42
C PHE C 53 14.85 8.97 -33.44
N LEU C 54 13.55 9.28 -33.48
CA LEU C 54 12.53 8.24 -33.58
C LEU C 54 11.45 8.62 -34.59
N GLY C 55 10.84 7.59 -35.18
CA GLY C 55 9.71 7.74 -36.08
C GLY C 55 8.39 7.87 -35.33
N PRO C 56 7.35 8.44 -36.00
CA PRO C 56 6.11 8.79 -35.29
C PRO C 56 5.42 7.54 -34.75
N LYS C 57 5.73 6.39 -35.36
CA LYS C 57 5.21 5.09 -34.97
C LYS C 57 5.60 4.79 -33.52
N ASP C 58 6.71 5.39 -33.06
CA ASP C 58 7.31 5.00 -31.81
C ASP C 58 6.96 5.98 -30.70
N LEU C 59 6.01 6.87 -31.01
CA LEU C 59 5.67 7.99 -30.14
C LEU C 59 4.18 7.95 -29.81
N PHE C 60 3.86 8.28 -28.56
CA PHE C 60 2.49 8.29 -28.03
C PHE C 60 2.26 9.56 -27.23
N PRO C 61 1.18 10.35 -27.50
CA PRO C 61 0.97 11.60 -26.76
C PRO C 61 0.76 11.28 -25.28
N TYR C 62 1.41 12.09 -24.43
CA TYR C 62 1.48 11.92 -22.99
C TYR C 62 0.07 11.70 -22.42
N ASP C 63 -0.87 12.57 -22.82
CA ASP C 63 -2.19 12.59 -22.21
C ASP C 63 -3.01 11.35 -22.55
N LYS C 64 -2.97 10.94 -23.82
CA LYS C 64 -3.72 9.81 -24.31
C LYS C 64 -3.20 8.50 -23.74
N SER C 65 -1.90 8.45 -23.37
CA SER C 65 -1.32 7.13 -23.13
C SER C 65 -0.77 6.98 -21.71
N LYS C 66 -0.78 8.06 -20.92
CA LYS C 66 -0.14 7.95 -19.61
C LYS C 66 -0.84 6.93 -18.72
N ASP C 67 -2.16 6.76 -18.88
CA ASP C 67 -2.88 5.73 -18.12
C ASP C 67 -2.24 4.36 -18.36
N LYS C 68 -1.68 4.16 -19.56
CA LYS C 68 -1.06 2.90 -19.91
C LYS C 68 0.46 2.85 -19.59
N TYR C 69 1.22 3.92 -19.89
CA TYR C 69 2.66 3.78 -19.84
C TYR C 69 3.23 4.53 -18.63
N GLY C 70 2.40 5.33 -17.96
CA GLY C 70 2.95 6.17 -16.92
C GLY C 70 2.79 5.44 -15.59
N LYS C 71 3.66 4.46 -15.40
CA LYS C 71 3.64 3.66 -14.19
C LYS C 71 5.10 3.39 -13.92
N PRO C 72 5.51 3.34 -12.64
CA PRO C 72 6.93 3.19 -12.32
C PRO C 72 7.53 1.92 -12.89
N ASN C 73 8.84 1.97 -13.05
CA ASN C 73 9.61 0.76 -13.20
C ASN C 73 11.04 1.08 -12.85
N LYS C 74 11.86 0.04 -12.77
CA LYS C 74 13.12 0.14 -12.06
C LYS C 74 14.26 0.50 -13.00
N ARG C 75 13.98 0.74 -14.29
CA ARG C 75 15.07 1.10 -15.18
C ARG C 75 15.67 2.45 -14.82
N LYS C 76 17.00 2.54 -14.97
CA LYS C 76 17.79 3.71 -14.62
C LYS C 76 17.17 4.97 -15.17
N GLY C 77 16.74 5.84 -14.24
CA GLY C 77 16.36 7.18 -14.67
C GLY C 77 14.85 7.31 -14.91
N PHE C 78 14.14 6.18 -14.94
CA PHE C 78 12.77 6.15 -15.41
C PHE C 78 11.85 6.95 -14.47
N ASN C 79 11.94 6.65 -13.17
CA ASN C 79 10.98 7.23 -12.24
C ASN C 79 11.25 8.73 -12.11
N GLU C 80 12.52 9.10 -12.13
CA GLU C 80 12.82 10.52 -12.14
C GLU C 80 12.25 11.13 -13.41
N GLY C 81 12.30 10.39 -14.54
CA GLY C 81 11.67 10.90 -15.76
C GLY C 81 10.17 11.14 -15.57
N LEU C 82 9.48 10.21 -14.91
CA LEU C 82 8.05 10.37 -14.70
C LEU C 82 7.76 11.62 -13.87
N TRP C 83 8.64 11.92 -12.91
CA TRP C 83 8.43 13.13 -12.10
C TRP C 83 8.56 14.38 -12.98
N GLU C 84 9.58 14.40 -13.85
CA GLU C 84 9.85 15.56 -14.70
C GLU C 84 8.68 15.84 -15.65
N ILE C 85 8.14 14.78 -16.26
CA ILE C 85 7.14 14.94 -17.29
C ILE C 85 5.83 15.51 -16.72
N GLN C 86 5.52 15.15 -15.47
CA GLN C 86 4.31 15.61 -14.80
C GLN C 86 4.56 16.97 -14.12
N ASN C 87 5.78 17.19 -13.62
CA ASN C 87 6.04 18.26 -12.66
C ASN C 87 6.95 19.36 -13.23
N ASN C 88 7.85 19.06 -14.18
CA ASN C 88 8.79 20.09 -14.64
C ASN C 88 9.18 19.82 -16.09
N PRO C 89 8.20 19.74 -17.02
CA PRO C 89 8.46 19.17 -18.35
C PRO C 89 9.18 20.03 -19.36
N HIS C 90 9.41 21.30 -18.99
CA HIS C 90 9.99 22.27 -19.91
C HIS C 90 11.21 22.96 -19.30
N ALA C 91 11.74 22.38 -18.21
CA ALA C 91 13.06 22.76 -17.74
C ALA C 91 14.11 22.27 -18.74
N SER C 92 15.33 22.82 -18.65
CA SER C 92 16.37 22.69 -19.67
C SER C 92 17.16 21.39 -19.54
N TYR C 93 17.37 20.96 -18.28
CA TYR C 93 18.18 19.80 -17.94
C TYR C 93 19.48 19.82 -18.76
S SO4 D . 20.43 3.95 -0.94
O1 SO4 D . 20.25 2.62 -0.43
O2 SO4 D . 19.30 4.77 -0.58
O3 SO4 D . 21.64 4.52 -0.41
O4 SO4 D . 20.53 3.91 -2.38
S SO4 E . 19.10 13.96 9.43
O1 SO4 E . 18.71 12.94 10.37
O2 SO4 E . 18.40 15.19 9.73
O3 SO4 E . 20.52 14.16 9.51
O4 SO4 E . 18.76 13.55 8.09
C1 EDO F . 0.13 -1.21 1.38
O1 EDO F . -1.15 -1.38 0.78
C2 EDO F . 0.04 -1.32 2.90
O2 EDO F . -0.67 -0.25 3.51
S SO4 G . 13.28 5.18 -7.49
O1 SO4 G . 12.10 4.45 -7.23
O2 SO4 G . 14.41 4.40 -7.04
O3 SO4 G . 13.41 5.44 -8.90
O4 SO4 G . 13.26 6.42 -6.76
S SO4 H . -8.15 -4.33 21.07
O1 SO4 H . -8.91 -5.56 20.87
O2 SO4 H . -7.16 -4.51 22.07
O3 SO4 H . -7.46 -3.91 19.86
O4 SO4 H . -9.12 -3.32 21.45
S SO4 I . 2.43 -18.47 12.04
O1 SO4 I . 1.50 -18.73 11.00
O2 SO4 I . 3.34 -19.58 12.15
O3 SO4 I . 3.15 -17.27 11.74
O4 SO4 I . 1.74 -18.30 13.31
N1 NW4 J . -7.94 -12.58 10.47
C4 NW4 J . -8.62 -13.75 6.58
C5 NW4 J . -8.26 -13.11 5.24
C6 NW4 J . -9.49 -12.84 4.36
C7 NW4 J . -10.33 -14.08 4.17
C8 NW4 J . -10.72 -14.70 5.50
C10 NW4 J . -7.83 -13.95 10.98
C13 NW4 J . -8.50 -11.60 11.42
C1 NW4 J . -7.69 -12.25 9.18
C11 NW4 J . -7.29 -13.97 12.39
C12 NW4 J . -7.89 -11.78 12.79
C2 NW4 J . -6.75 -13.12 8.37
C3 NW4 J . -7.36 -14.12 7.38
C9 NW4 J . -9.49 -14.99 6.36
O1 NW4 J . -8.18 -11.26 8.65
O2 NW4 J . -8.03 -13.12 13.25
C1 EDO K . 16.37 5.17 -22.06
O1 EDO K . 17.43 4.83 -21.17
C2 EDO K . 16.07 6.64 -22.16
O2 EDO K . 17.21 7.45 -22.32
S SO4 L . 10.45 -4.93 -27.52
O1 SO4 L . 9.03 -5.04 -27.79
O2 SO4 L . 10.68 -5.02 -26.09
O3 SO4 L . 11.14 -6.00 -28.19
O4 SO4 L . 10.92 -3.67 -28.02
#